data_1VHS
#
_entry.id   1VHS
#
_cell.length_a   84.506
_cell.length_b   50.827
_cell.length_c   87.606
_cell.angle_alpha   90.00
_cell.angle_beta   116.67
_cell.angle_gamma   90.00
#
_symmetry.space_group_name_H-M   'C 1 2 1'
#
loop_
_entity.id
_entity.type
_entity.pdbx_description
1 polymer 'similar to phosphinothricin acetyltransferase'
2 water water
#
_entity_poly.entity_id   1
_entity_poly.type   'polypeptide(L)'
_entity_poly.pdbx_seq_one_letter_code
;(MSE)SLTLRLAEHRDLEAVVAIYNSTIASR(MSE)VTADTEPVTPEDR(MSE)EWFSGHTESRPLYVAEDENGNVAAWI
SFETFYGRPAYNKTAEVSIYIDEACRGKGVGSYLLQEALRIAPNLGIRSL(MSE)AFIFGHNKPSLKLFEKHGFAEWGLF
PGIAE(MSE)DGKRYDLKILGRELSEGGSHHHHHH
;
_entity_poly.pdbx_strand_id   A,B
#
# COMPACT_ATOMS: atom_id res chain seq x y z
N SER A 2 10.44 -25.39 -17.85
CA SER A 2 11.89 -25.07 -17.80
C SER A 2 12.12 -23.57 -18.01
N LEU A 3 13.37 -23.15 -17.83
CA LEU A 3 13.72 -21.75 -18.00
C LEU A 3 15.03 -21.61 -18.77
N THR A 4 15.03 -20.70 -19.74
CA THR A 4 16.22 -20.45 -20.55
C THR A 4 16.56 -18.97 -20.45
N LEU A 5 17.79 -18.67 -20.05
CA LEU A 5 18.23 -17.29 -19.91
C LEU A 5 18.89 -16.71 -21.16
N ARG A 6 18.65 -15.43 -21.39
CA ARG A 6 19.24 -14.70 -22.50
C ARG A 6 19.29 -13.21 -22.12
N LEU A 7 20.17 -12.45 -22.79
CA LEU A 7 20.26 -11.03 -22.54
C LEU A 7 18.93 -10.35 -22.88
N ALA A 8 18.51 -9.41 -22.03
CA ALA A 8 17.27 -8.68 -22.27
C ALA A 8 17.39 -7.80 -23.50
N GLU A 9 16.24 -7.52 -24.12
CA GLU A 9 16.16 -6.68 -25.30
C GLU A 9 15.09 -5.64 -25.05
N HIS A 10 15.10 -4.57 -25.85
CA HIS A 10 14.13 -3.50 -25.67
C HIS A 10 12.68 -3.97 -25.63
N ARG A 11 12.30 -4.89 -26.52
CA ARG A 11 10.92 -5.38 -26.53
C ARG A 11 10.55 -6.14 -25.26
N ASP A 12 11.53 -6.39 -24.40
CA ASP A 12 11.30 -7.09 -23.14
C ASP A 12 10.93 -6.15 -22.00
N LEU A 13 11.18 -4.85 -22.17
CA LEU A 13 10.88 -3.89 -21.12
C LEU A 13 9.46 -4.04 -20.57
N GLU A 14 8.49 -4.18 -21.46
CA GLU A 14 7.09 -4.35 -21.06
C GLU A 14 6.89 -5.53 -20.09
N ALA A 15 7.45 -6.67 -20.44
CA ALA A 15 7.32 -7.87 -19.61
C ALA A 15 8.12 -7.73 -18.31
N VAL A 16 9.26 -7.07 -18.37
CA VAL A 16 10.12 -6.86 -17.20
C VAL A 16 9.39 -6.01 -16.18
N VAL A 17 8.75 -4.94 -16.64
CA VAL A 17 8.01 -4.05 -15.75
C VAL A 17 6.77 -4.77 -15.21
N ALA A 18 6.12 -5.55 -16.07
CA ALA A 18 4.93 -6.29 -15.65
C ALA A 18 5.28 -7.23 -14.51
N ILE A 19 6.39 -7.94 -14.64
CA ILE A 19 6.83 -8.88 -13.61
C ILE A 19 7.11 -8.08 -12.33
N TYR A 20 7.78 -6.95 -12.49
CA TYR A 20 8.09 -6.09 -11.36
C TYR A 20 6.80 -5.70 -10.64
N ASN A 21 5.80 -5.25 -11.40
CA ASN A 21 4.52 -4.85 -10.82
C ASN A 21 3.74 -5.97 -10.16
N SER A 22 3.90 -7.19 -10.66
CA SER A 22 3.17 -8.31 -10.07
C SER A 22 3.64 -8.60 -8.65
N THR A 23 4.83 -8.12 -8.30
CA THR A 23 5.39 -8.34 -6.97
C THR A 23 5.07 -7.22 -5.96
N ILE A 24 4.61 -6.08 -6.46
CA ILE A 24 4.32 -4.95 -5.59
C ILE A 24 3.28 -5.20 -4.51
N ALA A 25 2.21 -5.88 -4.87
CA ALA A 25 1.13 -6.19 -3.94
C ALA A 25 1.59 -6.89 -2.66
N SER A 26 2.41 -7.92 -2.81
CA SER A 26 2.90 -8.68 -1.66
C SER A 26 3.85 -7.86 -0.78
N ARG A 27 4.34 -6.75 -1.30
CA ARG A 27 5.26 -5.89 -0.58
C ARG A 27 6.31 -6.75 0.13
N MSE A 28 6.94 -7.63 -0.65
CA MSE A 28 7.94 -8.53 -0.11
C MSE A 28 9.32 -8.33 -0.76
O MSE A 28 10.33 -8.73 -0.20
CB MSE A 28 7.49 -9.98 -0.32
CG MSE A 28 8.25 -10.99 0.51
SE MSE A 28 7.57 -11.08 2.31
CE MSE A 28 7.10 -12.95 2.36
N VAL A 29 9.35 -7.71 -1.94
CA VAL A 29 10.61 -7.52 -2.64
C VAL A 29 10.90 -6.13 -3.20
N THR A 30 9.85 -5.37 -3.50
CA THR A 30 10.04 -4.04 -4.07
C THR A 30 9.76 -2.86 -3.14
N ALA A 31 10.35 -1.72 -3.47
CA ALA A 31 10.19 -0.50 -2.69
C ALA A 31 9.07 0.38 -3.21
N ASP A 32 8.24 -0.16 -4.08
CA ASP A 32 7.11 0.59 -4.64
C ASP A 32 5.79 0.03 -4.10
N THR A 33 4.85 0.92 -3.81
CA THR A 33 3.55 0.51 -3.30
C THR A 33 2.53 0.62 -4.42
N GLU A 34 2.91 1.35 -5.47
CA GLU A 34 2.04 1.55 -6.63
C GLU A 34 2.77 1.07 -7.89
N PRO A 35 2.03 0.48 -8.85
CA PRO A 35 2.65 0.01 -10.08
C PRO A 35 3.33 1.13 -10.88
N VAL A 36 4.44 0.79 -11.52
CA VAL A 36 5.17 1.77 -12.32
C VAL A 36 4.93 1.53 -13.80
N THR A 37 5.32 2.50 -14.64
CA THR A 37 5.14 2.37 -16.08
C THR A 37 6.49 2.16 -16.77
N PRO A 38 6.48 1.52 -17.95
CA PRO A 38 7.70 1.25 -18.73
C PRO A 38 8.53 2.51 -18.92
N GLU A 39 7.85 3.65 -19.09
CA GLU A 39 8.52 4.93 -19.28
C GLU A 39 9.29 5.32 -18.02
N ASP A 40 8.73 5.00 -16.86
CA ASP A 40 9.38 5.35 -15.60
C ASP A 40 10.64 4.51 -15.35
N ARG A 41 10.82 3.45 -16.15
CA ARG A 41 11.96 2.57 -15.98
C ARG A 41 12.87 2.48 -17.21
N MSE A 42 12.58 3.28 -18.22
CA MSE A 42 13.37 3.27 -19.45
C MSE A 42 14.85 3.59 -19.17
O MSE A 42 15.74 3.01 -19.78
CB MSE A 42 12.82 4.26 -20.46
CG MSE A 42 13.58 4.31 -21.78
SE MSE A 42 13.70 2.57 -22.63
CE MSE A 42 15.10 2.95 -23.91
N GLU A 43 15.09 4.53 -18.25
CA GLU A 43 16.45 4.91 -17.90
C GLU A 43 17.20 3.74 -17.27
N TRP A 44 16.59 3.16 -16.24
CA TRP A 44 17.17 2.01 -15.55
C TRP A 44 17.47 0.90 -16.53
N PHE A 45 16.50 0.63 -17.40
CA PHE A 45 16.63 -0.43 -18.40
C PHE A 45 17.85 -0.22 -19.30
N SER A 46 17.91 0.94 -19.94
CA SER A 46 19.02 1.26 -20.84
C SER A 46 20.32 1.48 -20.07
N GLY A 47 20.22 1.58 -18.76
CA GLY A 47 21.40 1.80 -17.94
C GLY A 47 22.30 0.58 -17.82
N HIS A 48 21.83 -0.59 -18.24
CA HIS A 48 22.64 -1.79 -18.15
C HIS A 48 23.71 -1.80 -19.23
N THR A 49 24.81 -2.50 -18.96
CA THR A 49 25.93 -2.56 -19.88
C THR A 49 26.34 -3.99 -20.15
N GLU A 50 27.38 -4.15 -20.95
CA GLU A 50 27.90 -5.46 -21.30
C GLU A 50 28.45 -6.18 -20.07
N SER A 51 28.98 -5.42 -19.11
CA SER A 51 29.55 -5.99 -17.90
C SER A 51 28.53 -6.06 -16.75
N ARG A 52 27.48 -5.26 -16.83
CA ARG A 52 26.43 -5.23 -15.81
C ARG A 52 25.10 -5.33 -16.56
N PRO A 53 24.78 -6.53 -17.04
CA PRO A 53 23.55 -6.75 -17.79
C PRO A 53 22.27 -7.15 -17.08
N LEU A 54 21.22 -7.15 -17.89
CA LEU A 54 19.90 -7.55 -17.47
C LEU A 54 19.59 -8.79 -18.30
N TYR A 55 19.30 -9.89 -17.63
CA TYR A 55 18.96 -11.13 -18.32
C TYR A 55 17.51 -11.46 -18.07
N VAL A 56 16.86 -12.06 -19.05
CA VAL A 56 15.47 -12.47 -18.86
C VAL A 56 15.44 -13.98 -18.98
N ALA A 57 14.48 -14.60 -18.32
CA ALA A 57 14.32 -16.04 -18.35
C ALA A 57 12.98 -16.34 -19.02
N GLU A 58 13.03 -17.16 -20.05
CA GLU A 58 11.83 -17.53 -20.79
C GLU A 58 11.33 -18.91 -20.39
N ASP A 59 10.01 -19.06 -20.30
CA ASP A 59 9.43 -20.35 -19.97
C ASP A 59 9.44 -21.16 -21.26
N GLU A 60 9.01 -22.42 -21.19
CA GLU A 60 9.00 -23.28 -22.36
C GLU A 60 8.15 -22.72 -23.51
N ASN A 61 7.35 -21.69 -23.23
CA ASN A 61 6.50 -21.09 -24.24
C ASN A 61 7.07 -19.80 -24.82
N GLY A 62 8.28 -19.44 -24.40
CA GLY A 62 8.92 -18.24 -24.91
C GLY A 62 8.52 -16.96 -24.20
N ASN A 63 7.71 -17.07 -23.15
CA ASN A 63 7.28 -15.90 -22.41
C ASN A 63 8.26 -15.60 -21.29
N VAL A 64 8.57 -14.31 -21.11
CA VAL A 64 9.49 -13.89 -20.06
C VAL A 64 8.81 -14.11 -18.71
N ALA A 65 9.37 -15.01 -17.90
CA ALA A 65 8.81 -15.33 -16.59
C ALA A 65 9.58 -14.74 -15.41
N ALA A 66 10.78 -14.24 -15.66
CA ALA A 66 11.60 -13.68 -14.58
C ALA A 66 12.81 -12.97 -15.17
N TRP A 67 13.51 -12.22 -14.34
CA TRP A 67 14.70 -11.53 -14.80
C TRP A 67 15.74 -11.37 -13.70
N ILE A 68 16.98 -11.20 -14.12
CA ILE A 68 18.13 -11.02 -13.23
C ILE A 68 18.86 -9.76 -13.70
N SER A 69 19.04 -8.83 -12.77
CA SER A 69 19.70 -7.57 -13.10
C SER A 69 20.97 -7.39 -12.28
N PHE A 70 22.07 -7.04 -12.96
CA PHE A 70 23.32 -6.76 -12.26
C PHE A 70 23.43 -5.25 -12.32
N GLU A 71 23.69 -4.61 -11.19
CA GLU A 71 23.78 -3.16 -11.16
C GLU A 71 25.02 -2.71 -10.40
N THR A 72 25.51 -1.52 -10.75
CA THR A 72 26.69 -0.97 -10.10
C THR A 72 26.33 -0.60 -8.67
N PHE A 73 27.32 -0.65 -7.78
CA PHE A 73 27.09 -0.29 -6.39
C PHE A 73 27.24 1.23 -6.28
N TYR A 74 28.37 1.72 -6.79
CA TYR A 74 28.65 3.15 -6.77
C TYR A 74 29.45 3.52 -8.01
N GLY A 75 29.02 4.56 -8.70
CA GLY A 75 29.70 5.00 -9.91
C GLY A 75 31.08 5.57 -9.64
N ARG A 76 31.95 4.73 -9.10
CA ARG A 76 33.32 5.12 -8.79
C ARG A 76 34.20 3.90 -9.08
N PRO A 77 35.35 4.12 -9.74
CA PRO A 77 36.28 3.05 -10.08
C PRO A 77 36.63 2.15 -8.89
N ALA A 78 36.78 2.73 -7.71
CA ALA A 78 37.13 1.97 -6.52
C ALA A 78 36.16 0.82 -6.29
N TYR A 79 34.91 0.99 -6.73
CA TYR A 79 33.90 -0.05 -6.54
C TYR A 79 33.59 -0.87 -7.81
N ASN A 80 34.44 -0.76 -8.83
CA ASN A 80 34.25 -1.48 -10.08
C ASN A 80 34.02 -2.99 -10.01
N LYS A 81 34.55 -3.63 -8.98
CA LYS A 81 34.39 -5.08 -8.83
C LYS A 81 33.28 -5.48 -7.88
N THR A 82 32.48 -4.49 -7.49
CA THR A 82 31.37 -4.73 -6.57
C THR A 82 30.06 -4.41 -7.28
N ALA A 83 29.13 -5.35 -7.24
CA ALA A 83 27.85 -5.16 -7.88
C ALA A 83 26.69 -5.69 -7.07
N GLU A 84 25.49 -5.28 -7.46
CA GLU A 84 24.28 -5.73 -6.81
C GLU A 84 23.58 -6.67 -7.77
N VAL A 85 22.94 -7.70 -7.24
CA VAL A 85 22.17 -8.60 -8.07
C VAL A 85 20.72 -8.52 -7.60
N SER A 86 19.80 -8.34 -8.54
CA SER A 86 18.38 -8.24 -8.24
C SER A 86 17.65 -9.31 -9.07
N ILE A 87 16.78 -10.07 -8.42
CA ILE A 87 16.04 -11.12 -9.09
C ILE A 87 14.54 -10.98 -8.85
N TYR A 88 13.76 -10.88 -9.92
CA TYR A 88 12.32 -10.78 -9.82
C TYR A 88 11.67 -11.92 -10.61
N ILE A 89 10.66 -12.53 -10.01
CA ILE A 89 9.95 -13.63 -10.62
C ILE A 89 8.47 -13.28 -10.76
N ASP A 90 7.88 -13.65 -11.89
CA ASP A 90 6.47 -13.37 -12.10
C ASP A 90 5.71 -13.98 -10.93
N GLU A 91 4.94 -13.15 -10.23
CA GLU A 91 4.19 -13.61 -9.08
C GLU A 91 3.43 -14.91 -9.34
N ALA A 92 3.04 -15.11 -10.60
CA ALA A 92 2.31 -16.31 -10.98
C ALA A 92 3.19 -17.56 -11.00
N CYS A 93 4.50 -17.37 -10.92
CA CYS A 93 5.44 -18.48 -10.94
C CYS A 93 6.01 -18.77 -9.56
N ARG A 94 5.52 -18.04 -8.55
CA ARG A 94 5.98 -18.22 -7.19
C ARG A 94 5.72 -19.63 -6.68
N GLY A 95 6.70 -20.20 -6.00
CA GLY A 95 6.57 -21.54 -5.46
C GLY A 95 6.75 -22.63 -6.51
N LYS A 96 7.87 -22.57 -7.23
CA LYS A 96 8.16 -23.56 -8.26
C LYS A 96 9.65 -23.86 -8.34
N GLY A 97 10.43 -23.22 -7.49
CA GLY A 97 11.87 -23.43 -7.49
C GLY A 97 12.61 -22.54 -8.47
N VAL A 98 11.93 -21.51 -8.97
CA VAL A 98 12.54 -20.59 -9.93
C VAL A 98 13.68 -19.82 -9.27
N GLY A 99 13.47 -19.36 -8.04
CA GLY A 99 14.49 -18.60 -7.34
C GLY A 99 15.84 -19.29 -7.25
N SER A 100 15.83 -20.57 -6.88
CA SER A 100 17.05 -21.35 -6.75
C SER A 100 17.81 -21.41 -8.07
N TYR A 101 17.10 -21.69 -9.15
CA TYR A 101 17.72 -21.77 -10.46
C TYR A 101 18.31 -20.43 -10.88
N LEU A 102 17.55 -19.36 -10.71
CA LEU A 102 18.01 -18.02 -11.10
C LEU A 102 19.25 -17.57 -10.34
N LEU A 103 19.27 -17.83 -9.03
CA LEU A 103 20.44 -17.43 -8.24
C LEU A 103 21.66 -18.22 -8.70
N GLN A 104 21.48 -19.52 -8.93
CA GLN A 104 22.59 -20.34 -9.37
C GLN A 104 23.16 -19.80 -10.67
N GLU A 105 22.30 -19.44 -11.61
CA GLU A 105 22.75 -18.88 -12.88
C GLU A 105 23.42 -17.53 -12.68
N ALA A 106 22.86 -16.70 -11.81
CA ALA A 106 23.46 -15.40 -11.54
C ALA A 106 24.90 -15.60 -11.04
N LEU A 107 25.06 -16.57 -10.15
CA LEU A 107 26.37 -16.87 -9.58
C LEU A 107 27.37 -17.46 -10.56
N ARG A 108 26.87 -18.18 -11.56
CA ARG A 108 27.74 -18.75 -12.59
C ARG A 108 28.23 -17.61 -13.46
N ILE A 109 27.33 -16.69 -13.77
CA ILE A 109 27.62 -15.55 -14.62
C ILE A 109 28.51 -14.48 -13.99
N ALA A 110 28.21 -14.10 -12.75
CA ALA A 110 28.94 -13.04 -12.05
C ALA A 110 30.47 -13.00 -12.21
N PRO A 111 31.16 -14.12 -11.97
CA PRO A 111 32.62 -14.14 -12.10
C PRO A 111 33.11 -13.72 -13.49
N ASN A 112 32.36 -14.10 -14.52
CA ASN A 112 32.75 -13.74 -15.87
C ASN A 112 32.48 -12.28 -16.18
N LEU A 113 31.75 -11.61 -15.29
CA LEU A 113 31.45 -10.19 -15.47
C LEU A 113 32.52 -9.35 -14.76
N GLY A 114 33.46 -10.03 -14.12
CA GLY A 114 34.51 -9.33 -13.39
C GLY A 114 34.06 -8.89 -12.01
N ILE A 115 32.96 -9.45 -11.52
CA ILE A 115 32.45 -9.10 -10.21
C ILE A 115 33.12 -9.92 -9.11
N ARG A 116 33.68 -9.22 -8.12
CA ARG A 116 34.35 -9.86 -7.00
C ARG A 116 33.43 -9.95 -5.78
N SER A 117 32.66 -8.89 -5.54
CA SER A 117 31.74 -8.85 -4.41
C SER A 117 30.34 -8.61 -4.93
N LEU A 118 29.42 -9.51 -4.60
CA LEU A 118 28.05 -9.39 -5.06
C LEU A 118 27.13 -9.20 -3.87
N MSE A 119 26.28 -8.18 -3.92
CA MSE A 119 25.35 -7.90 -2.83
C MSE A 119 23.89 -7.99 -3.28
O MSE A 119 23.57 -7.75 -4.44
CB MSE A 119 25.62 -6.50 -2.26
CG MSE A 119 26.89 -6.40 -1.43
SE MSE A 119 27.14 -4.60 -0.74
CE MSE A 119 27.76 -3.83 -2.33
N ALA A 120 23.02 -8.31 -2.32
CA ALA A 120 21.60 -8.41 -2.58
C ALA A 120 20.85 -7.64 -1.49
N PHE A 121 19.87 -6.85 -1.91
CA PHE A 121 19.07 -6.05 -0.98
C PHE A 121 17.72 -6.74 -0.81
N ILE A 122 17.50 -7.28 0.39
CA ILE A 122 16.31 -8.03 0.70
C ILE A 122 15.62 -7.54 1.96
N PHE A 123 14.31 -7.36 1.91
CA PHE A 123 13.57 -6.93 3.09
C PHE A 123 13.76 -7.93 4.23
N GLY A 124 13.92 -7.41 5.44
CA GLY A 124 14.11 -8.27 6.60
C GLY A 124 13.05 -9.32 6.85
N HIS A 125 11.82 -9.05 6.40
CA HIS A 125 10.73 -10.00 6.62
C HIS A 125 10.60 -11.06 5.52
N ASN A 126 11.44 -11.00 4.49
CA ASN A 126 11.36 -11.99 3.41
C ASN A 126 12.28 -13.16 3.74
N LYS A 127 11.84 -13.98 4.67
CA LYS A 127 12.60 -15.14 5.12
C LYS A 127 13.01 -16.11 4.01
N PRO A 128 12.08 -16.44 3.10
CA PRO A 128 12.39 -17.36 2.00
C PRO A 128 13.60 -16.92 1.18
N SER A 129 13.61 -15.65 0.77
CA SER A 129 14.72 -15.14 -0.02
C SER A 129 16.00 -15.10 0.79
N LEU A 130 15.90 -14.74 2.07
CA LEU A 130 17.06 -14.67 2.94
C LEU A 130 17.69 -16.04 3.10
N LYS A 131 16.86 -17.07 3.27
CA LYS A 131 17.39 -18.42 3.44
C LYS A 131 18.03 -18.93 2.15
N LEU A 132 17.39 -18.64 1.01
CA LEU A 132 17.91 -19.03 -0.28
C LEU A 132 19.32 -18.49 -0.48
N PHE A 133 19.51 -17.19 -0.31
CA PHE A 133 20.82 -16.60 -0.48
C PHE A 133 21.86 -17.15 0.51
N GLU A 134 21.45 -17.37 1.76
CA GLU A 134 22.37 -17.87 2.76
C GLU A 134 22.86 -19.29 2.46
N LYS A 135 22.08 -20.04 1.69
CA LYS A 135 22.50 -21.40 1.33
C LYS A 135 23.55 -21.30 0.23
N HIS A 136 23.60 -20.15 -0.43
CA HIS A 136 24.55 -19.95 -1.52
C HIS A 136 25.76 -19.06 -1.21
N GLY A 137 26.19 -19.07 0.04
CA GLY A 137 27.38 -18.31 0.41
C GLY A 137 27.22 -16.87 0.85
N PHE A 138 26.00 -16.35 0.82
CA PHE A 138 25.79 -14.97 1.25
C PHE A 138 25.67 -14.89 2.76
N ALA A 139 26.18 -13.79 3.31
CA ALA A 139 26.14 -13.53 4.76
C ALA A 139 25.50 -12.16 4.95
N GLU A 140 24.86 -11.93 6.08
CA GLU A 140 24.24 -10.63 6.33
C GLU A 140 25.36 -9.61 6.60
N TRP A 141 25.46 -8.60 5.74
CA TRP A 141 26.47 -7.58 5.91
C TRP A 141 25.89 -6.33 6.55
N GLY A 142 24.57 -6.23 6.54
CA GLY A 142 23.95 -5.07 7.14
C GLY A 142 22.45 -5.18 7.32
N LEU A 143 21.92 -4.33 8.19
CA LEU A 143 20.50 -4.25 8.46
C LEU A 143 20.22 -2.78 8.71
N PHE A 144 19.42 -2.19 7.83
CA PHE A 144 19.05 -0.79 7.94
C PHE A 144 17.61 -0.84 8.47
N PRO A 145 17.44 -0.58 9.78
CA PRO A 145 16.13 -0.61 10.43
C PRO A 145 15.09 0.41 10.04
N GLY A 146 13.91 -0.10 9.68
CA GLY A 146 12.79 0.74 9.29
C GLY A 146 13.01 1.87 8.31
N ILE A 147 13.96 1.72 7.38
CA ILE A 147 14.22 2.80 6.42
C ILE A 147 13.24 2.79 5.25
N ALA A 148 12.46 1.73 5.14
CA ALA A 148 11.46 1.64 4.09
C ALA A 148 10.08 1.79 4.72
N GLU A 149 9.28 2.70 4.19
CA GLU A 149 7.93 2.91 4.72
C GLU A 149 6.90 2.66 3.64
N MSE A 150 5.95 1.77 3.92
CA MSE A 150 4.88 1.44 2.98
C MSE A 150 3.59 1.16 3.75
O MSE A 150 3.60 0.40 4.74
CB MSE A 150 5.25 0.23 2.14
CG MSE A 150 6.55 0.38 1.38
SE MSE A 150 6.88 -1.11 0.20
CE MSE A 150 7.62 -2.36 1.48
N ASP A 151 2.50 1.74 3.31
CA ASP A 151 1.20 1.53 3.96
C ASP A 151 1.25 1.99 5.41
N GLY A 152 2.08 2.99 5.68
CA GLY A 152 2.19 3.51 7.04
C GLY A 152 2.93 2.59 7.99
N LYS A 153 3.60 1.58 7.44
CA LYS A 153 4.37 0.62 8.24
C LYS A 153 5.85 0.71 7.85
N ARG A 154 6.72 0.50 8.82
CA ARG A 154 8.15 0.57 8.54
C ARG A 154 8.76 -0.82 8.37
N TYR A 155 9.63 -0.93 7.37
CA TYR A 155 10.28 -2.21 7.05
C TYR A 155 11.80 -2.10 7.11
N ASP A 156 12.45 -3.21 7.47
CA ASP A 156 13.90 -3.27 7.55
C ASP A 156 14.48 -3.76 6.21
N LEU A 157 15.65 -3.23 5.85
CA LEU A 157 16.30 -3.68 4.64
C LEU A 157 17.58 -4.40 5.04
N LYS A 158 17.71 -5.66 4.67
CA LYS A 158 18.92 -6.40 4.97
C LYS A 158 19.79 -6.43 3.73
N ILE A 159 21.10 -6.34 3.93
CA ILE A 159 22.04 -6.40 2.83
C ILE A 159 22.84 -7.68 3.01
N LEU A 160 22.79 -8.56 2.01
CA LEU A 160 23.54 -9.81 2.07
C LEU A 160 24.64 -9.71 1.04
N GLY A 161 25.81 -10.24 1.38
CA GLY A 161 26.90 -10.17 0.45
C GLY A 161 27.70 -11.44 0.35
N ARG A 162 28.41 -11.56 -0.77
CA ARG A 162 29.27 -12.71 -0.97
C ARG A 162 30.45 -12.34 -1.82
N GLU A 163 31.64 -12.74 -1.39
CA GLU A 163 32.83 -12.47 -2.18
C GLU A 163 33.04 -13.71 -3.03
N LEU A 164 33.02 -13.51 -4.35
CA LEU A 164 33.17 -14.60 -5.31
C LEU A 164 34.62 -14.93 -5.58
N SER A 165 35.41 -13.90 -5.85
CA SER A 165 36.82 -14.09 -6.17
C SER A 165 37.62 -14.83 -5.11
N GLU A 166 38.40 -15.81 -5.57
CA GLU A 166 39.26 -16.62 -4.71
C GLU A 166 40.33 -15.74 -4.08
N SER B 2 -23.54 -7.99 1.06
CA SER B 2 -22.30 -7.65 0.30
C SER B 2 -22.30 -6.17 -0.09
N LEU B 3 -21.15 -5.52 0.08
CA LEU B 3 -21.02 -4.11 -0.25
C LEU B 3 -19.79 -3.87 -1.11
N THR B 4 -19.92 -2.98 -2.08
CA THR B 4 -18.81 -2.64 -2.98
C THR B 4 -18.52 -1.15 -2.84
N LEU B 5 -17.27 -0.83 -2.50
CA LEU B 5 -16.86 0.55 -2.31
C LEU B 5 -16.28 1.22 -3.55
N ARG B 6 -16.59 2.51 -3.71
CA ARG B 6 -16.06 3.27 -4.83
C ARG B 6 -16.08 4.74 -4.45
N LEU B 7 -15.32 5.54 -5.18
CA LEU B 7 -15.29 6.97 -4.92
C LEU B 7 -16.67 7.53 -5.19
N ALA B 8 -17.11 8.46 -4.35
CA ALA B 8 -18.42 9.09 -4.50
C ALA B 8 -18.40 10.04 -5.69
N GLU B 9 -19.56 10.24 -6.28
CA GLU B 9 -19.71 11.12 -7.44
C GLU B 9 -20.85 12.11 -7.17
N HIS B 10 -20.89 13.17 -7.96
CA HIS B 10 -21.93 14.21 -7.79
C HIS B 10 -23.35 13.65 -7.70
N ARG B 11 -23.69 12.73 -8.60
CA ARG B 11 -25.03 12.14 -8.62
C ARG B 11 -25.36 11.30 -7.40
N ASP B 12 -24.35 11.07 -6.55
CA ASP B 12 -24.54 10.28 -5.34
C ASP B 12 -24.97 11.16 -4.16
N LEU B 13 -24.76 12.46 -4.29
CA LEU B 13 -25.08 13.38 -3.20
C LEU B 13 -26.47 13.20 -2.61
N GLU B 14 -27.46 12.92 -3.46
CA GLU B 14 -28.83 12.74 -2.98
C GLU B 14 -28.91 11.55 -2.02
N ALA B 15 -28.32 10.42 -2.41
CA ALA B 15 -28.33 9.23 -1.57
C ALA B 15 -27.54 9.48 -0.30
N VAL B 16 -26.43 10.21 -0.44
CA VAL B 16 -25.57 10.53 0.70
C VAL B 16 -26.35 11.33 1.75
N VAL B 17 -27.00 12.39 1.31
CA VAL B 17 -27.79 13.24 2.21
C VAL B 17 -28.95 12.45 2.80
N ALA B 18 -29.62 11.67 1.96
CA ALA B 18 -30.76 10.87 2.41
C ALA B 18 -30.34 9.92 3.53
N ILE B 19 -29.21 9.26 3.34
CA ILE B 19 -28.69 8.34 4.33
C ILE B 19 -28.33 9.10 5.61
N TYR B 20 -27.95 10.36 5.44
CA TYR B 20 -27.60 11.21 6.58
C TYR B 20 -28.83 11.52 7.42
N ASN B 21 -29.86 12.05 6.76
CA ASN B 21 -31.11 12.40 7.44
C ASN B 21 -31.76 11.20 8.10
N SER B 22 -31.74 10.06 7.42
CA SER B 22 -32.34 8.84 7.96
C SER B 22 -31.68 8.42 9.26
N THR B 23 -30.38 8.69 9.39
CA THR B 23 -29.64 8.33 10.58
C THR B 23 -29.95 9.25 11.76
N ILE B 24 -29.94 10.56 11.53
CA ILE B 24 -30.22 11.52 12.59
C ILE B 24 -31.64 11.34 13.12
N ALA B 25 -32.49 10.69 12.32
CA ALA B 25 -33.87 10.45 12.71
C ALA B 25 -33.95 9.18 13.55
N SER B 26 -33.03 8.25 13.29
CA SER B 26 -32.99 6.99 14.02
C SER B 26 -32.73 7.22 15.50
N GLU B 34 -32.69 19.94 11.66
CA GLU B 34 -33.58 20.22 10.54
C GLU B 34 -33.05 19.60 9.24
N PRO B 35 -33.97 19.15 8.40
CA PRO B 35 -33.62 18.53 7.13
C PRO B 35 -32.59 19.35 6.36
N VAL B 36 -31.52 18.69 5.93
CA VAL B 36 -30.46 19.36 5.17
C VAL B 36 -30.66 19.12 3.69
N THR B 37 -30.35 20.14 2.88
CA THR B 37 -30.49 20.04 1.43
C THR B 37 -29.11 19.95 0.77
N PRO B 38 -28.99 19.10 -0.26
CA PRO B 38 -27.72 18.93 -0.99
C PRO B 38 -27.13 20.25 -1.46
N GLU B 39 -27.99 21.24 -1.66
CA GLU B 39 -27.57 22.55 -2.12
C GLU B 39 -26.77 23.27 -1.03
N ASP B 40 -27.20 23.12 0.22
CA ASP B 40 -26.52 23.74 1.34
C ASP B 40 -25.43 22.84 1.90
N ARG B 41 -25.08 21.81 1.14
CA ARG B 41 -24.05 20.86 1.55
C ARG B 41 -23.14 20.57 0.36
N MSE B 42 -23.25 21.38 -0.68
CA MSE B 42 -22.46 21.21 -1.89
C MSE B 42 -20.99 21.50 -1.62
O MSE B 42 -20.10 20.89 -2.23
CB MSE B 42 -22.97 22.15 -2.99
CG MSE B 42 -22.22 22.01 -4.30
SE MSE B 42 -22.26 20.21 -4.99
CE MSE B 42 -23.95 20.28 -5.92
CE MSE B 42 -20.70 20.27 -6.12
N GLU B 43 -20.73 22.42 -0.70
CA GLU B 43 -19.36 22.80 -0.35
C GLU B 43 -18.66 21.62 0.32
N TRP B 44 -19.37 20.93 1.19
CA TRP B 44 -18.82 19.78 1.90
C TRP B 44 -18.38 18.71 0.90
N PHE B 45 -19.26 18.38 -0.04
CA PHE B 45 -18.98 17.37 -1.05
C PHE B 45 -17.75 17.71 -1.88
N SER B 46 -17.72 18.93 -2.42
CA SER B 46 -16.62 19.38 -3.26
C SER B 46 -15.35 19.60 -2.45
N GLY B 47 -15.49 19.66 -1.14
CA GLY B 47 -14.34 19.87 -0.29
C GLY B 47 -13.40 18.67 -0.28
N HIS B 48 -13.90 17.50 -0.65
CA HIS B 48 -13.08 16.29 -0.65
C HIS B 48 -12.00 16.32 -1.74
N THR B 49 -10.93 15.58 -1.50
CA THR B 49 -9.82 15.52 -2.44
C THR B 49 -9.34 14.10 -2.66
N GLU B 50 -8.25 13.98 -3.43
CA GLU B 50 -7.69 12.68 -3.74
C GLU B 50 -7.13 12.04 -2.47
N SER B 51 -6.69 12.85 -1.52
CA SER B 51 -6.15 12.33 -0.27
C SER B 51 -7.18 12.28 0.87
N ARG B 52 -8.27 13.03 0.74
CA ARG B 52 -9.33 13.04 1.74
C ARG B 52 -10.62 12.87 0.97
N PRO B 53 -10.90 11.64 0.52
CA PRO B 53 -12.09 11.34 -0.25
C PRO B 53 -13.38 10.97 0.46
N LEU B 54 -14.42 10.88 -0.36
CA LEU B 54 -15.74 10.47 0.09
C LEU B 54 -16.02 9.21 -0.70
N TYR B 55 -16.28 8.11 0.01
CA TYR B 55 -16.58 6.85 -0.65
C TYR B 55 -18.01 6.43 -0.37
N VAL B 56 -18.62 5.75 -1.33
CA VAL B 56 -19.97 5.23 -1.14
C VAL B 56 -19.88 3.72 -1.31
N ALA B 57 -20.80 3.00 -0.70
CA ALA B 57 -20.84 1.55 -0.79
C ALA B 57 -22.17 1.15 -1.41
N GLU B 58 -22.12 0.33 -2.46
CA GLU B 58 -23.33 -0.13 -3.12
C GLU B 58 -23.65 -1.55 -2.69
N ASP B 59 -24.92 -1.84 -2.50
CA ASP B 59 -25.34 -3.17 -2.10
C ASP B 59 -25.33 -4.09 -3.32
N GLU B 60 -25.92 -5.27 -3.16
CA GLU B 60 -26.00 -6.28 -4.22
C GLU B 60 -26.75 -5.74 -5.43
N ASN B 61 -27.79 -4.95 -5.17
CA ASN B 61 -28.62 -4.38 -6.22
C ASN B 61 -27.99 -3.17 -6.89
N GLY B 62 -26.83 -2.76 -6.40
CA GLY B 62 -26.16 -1.61 -6.98
C GLY B 62 -26.66 -0.29 -6.41
N ASN B 63 -27.30 -0.36 -5.25
CA ASN B 63 -27.82 0.83 -4.60
C ASN B 63 -26.86 1.30 -3.51
N VAL B 64 -26.74 2.61 -3.36
CA VAL B 64 -25.87 3.20 -2.34
C VAL B 64 -26.49 2.99 -0.98
N ALA B 65 -25.84 2.18 -0.15
CA ALA B 65 -26.35 1.86 1.18
C ALA B 65 -25.59 2.52 2.32
N ALA B 66 -24.40 3.05 2.05
CA ALA B 66 -23.60 3.69 3.09
C ALA B 66 -22.48 4.52 2.49
N TRP B 67 -21.83 5.33 3.34
CA TRP B 67 -20.72 6.14 2.89
C TRP B 67 -19.70 6.40 3.97
N ILE B 68 -18.46 6.61 3.53
CA ILE B 68 -17.32 6.86 4.39
C ILE B 68 -16.69 8.16 3.93
N SER B 69 -16.53 9.11 4.85
CA SER B 69 -15.93 10.40 4.50
C SER B 69 -14.65 10.67 5.28
N PHE B 70 -13.59 11.01 4.57
CA PHE B 70 -12.33 11.37 5.22
C PHE B 70 -12.22 12.87 5.08
N GLU B 71 -11.94 13.56 6.18
CA GLU B 71 -11.83 15.00 6.13
C GLU B 71 -10.60 15.49 6.89
N THR B 72 -10.06 16.62 6.45
CA THR B 72 -8.90 17.21 7.10
C THR B 72 -9.32 17.67 8.49
N PHE B 73 -8.40 17.62 9.44
CA PHE B 73 -8.69 18.05 10.81
C PHE B 73 -8.52 19.56 10.91
N TYR B 74 -7.36 20.03 10.47
CA TYR B 74 -7.06 21.46 10.49
C TYR B 74 -6.13 21.77 9.33
N GLY B 75 -6.52 22.75 8.53
CA GLY B 75 -5.75 23.15 7.37
C GLY B 75 -4.37 23.73 7.62
N ARG B 76 -3.53 22.95 8.28
CA ARG B 76 -2.16 23.35 8.59
C ARG B 76 -1.29 22.13 8.33
N PRO B 77 -0.16 22.32 7.64
CA PRO B 77 0.77 21.24 7.31
C PRO B 77 1.13 20.32 8.48
N ALA B 78 1.27 20.89 9.68
CA ALA B 78 1.62 20.11 10.86
C ALA B 78 0.61 19.00 11.13
N TYR B 79 -0.63 19.20 10.68
CA TYR B 79 -1.68 18.21 10.89
C TYR B 79 -1.98 17.36 9.65
N ASN B 80 -1.11 17.41 8.65
CA ASN B 80 -1.35 16.64 7.42
C ASN B 80 -1.57 15.14 7.54
N LYS B 81 -1.01 14.53 8.59
CA LYS B 81 -1.17 13.09 8.78
C LYS B 81 -2.36 12.78 9.69
N THR B 82 -3.11 13.82 10.05
CA THR B 82 -4.27 13.62 10.91
C THR B 82 -5.55 13.92 10.17
N ALA B 83 -6.52 13.03 10.30
CA ALA B 83 -7.79 13.20 9.61
C ALA B 83 -8.95 12.72 10.45
N GLU B 84 -10.14 13.05 9.99
CA GLU B 84 -11.36 12.66 10.66
C GLU B 84 -12.08 11.71 9.73
N VAL B 85 -12.78 10.74 10.30
CA VAL B 85 -13.55 9.80 9.49
C VAL B 85 -14.98 9.76 10.01
N SER B 86 -15.92 9.71 9.07
CA SER B 86 -17.34 9.65 9.41
C SER B 86 -17.94 8.55 8.55
N ILE B 87 -18.82 7.76 9.15
CA ILE B 87 -19.48 6.64 8.48
C ILE B 87 -20.97 6.65 8.76
N TYR B 88 -21.76 6.66 7.68
CA TYR B 88 -23.21 6.65 7.80
C TYR B 88 -23.77 5.48 7.01
N ILE B 89 -24.80 4.85 7.57
CA ILE B 89 -25.43 3.70 6.94
C ILE B 89 -26.92 3.97 6.74
N ASP B 90 -27.50 3.38 5.70
CA ASP B 90 -28.91 3.58 5.41
C ASP B 90 -29.79 2.97 6.49
N GLU B 91 -31.02 3.46 6.59
CA GLU B 91 -31.97 2.98 7.58
C GLU B 91 -32.29 1.50 7.37
N ALA B 92 -32.35 1.09 6.10
CA ALA B 92 -32.66 -0.30 5.76
C ALA B 92 -31.48 -1.26 5.83
N CYS B 93 -30.30 -0.75 6.18
CA CYS B 93 -29.13 -1.60 6.28
C CYS B 93 -28.48 -1.56 7.66
N ARG B 94 -29.01 -0.70 8.52
CA ARG B 94 -28.48 -0.56 9.87
C ARG B 94 -28.81 -1.80 10.71
N GLY B 95 -27.84 -2.69 10.84
CA GLY B 95 -28.05 -3.90 11.61
C GLY B 95 -27.72 -5.16 10.85
N LYS B 96 -26.47 -5.31 10.45
CA LYS B 96 -26.04 -6.49 9.70
C LYS B 96 -24.51 -6.58 9.63
N GLY B 97 -23.85 -6.07 10.67
CA GLY B 97 -22.39 -6.11 10.69
C GLY B 97 -21.78 -5.19 9.64
N VAL B 98 -22.62 -4.37 9.02
CA VAL B 98 -22.18 -3.43 8.00
C VAL B 98 -21.22 -2.40 8.60
N GLY B 99 -21.62 -1.83 9.72
CA GLY B 99 -20.80 -0.83 10.39
C GLY B 99 -19.39 -1.32 10.59
N SER B 100 -19.24 -2.52 11.12
CA SER B 100 -17.93 -3.08 11.38
C SER B 100 -17.13 -3.28 10.10
N TYR B 101 -17.80 -3.75 9.06
CA TYR B 101 -17.16 -3.97 7.76
C TYR B 101 -16.66 -2.64 7.20
N LEU B 102 -17.51 -1.64 7.25
CA LEU B 102 -17.17 -0.31 6.75
C LEU B 102 -16.02 0.34 7.51
N LEU B 103 -16.03 0.21 8.84
CA LEU B 103 -14.95 0.79 9.61
C LEU B 103 -13.67 0.03 9.29
N GLN B 104 -13.79 -1.28 9.09
CA GLN B 104 -12.61 -2.09 8.77
C GLN B 104 -12.02 -1.59 7.44
N GLU B 105 -12.88 -1.32 6.48
CA GLU B 105 -12.43 -0.84 5.18
C GLU B 105 -11.85 0.56 5.27
N ALA B 106 -12.46 1.42 6.09
CA ALA B 106 -11.94 2.77 6.24
C ALA B 106 -10.52 2.69 6.78
N LEU B 107 -10.31 1.78 7.74
CA LEU B 107 -8.99 1.59 8.35
C LEU B 107 -7.96 0.99 7.39
N ARG B 108 -8.42 0.21 6.43
CA ARG B 108 -7.53 -0.39 5.44
C ARG B 108 -7.07 0.71 4.49
N ILE B 109 -8.01 1.57 4.11
CA ILE B 109 -7.75 2.68 3.19
C ILE B 109 -6.91 3.82 3.76
N ALA B 110 -7.18 4.19 5.00
CA ALA B 110 -6.50 5.32 5.65
C ALA B 110 -4.99 5.42 5.44
N PRO B 111 -4.24 4.34 5.72
CA PRO B 111 -2.79 4.41 5.52
C PRO B 111 -2.40 4.78 4.10
N ASN B 112 -3.19 4.30 3.14
CA ASN B 112 -2.92 4.57 1.73
C ASN B 112 -3.11 6.05 1.39
N LEU B 113 -3.83 6.76 2.26
CA LEU B 113 -4.08 8.19 2.08
C LEU B 113 -3.07 9.04 2.85
N GLY B 114 -2.09 8.38 3.47
CA GLY B 114 -1.08 9.09 4.24
C GLY B 114 -1.55 9.51 5.63
N ILE B 115 -2.61 8.87 6.12
CA ILE B 115 -3.16 9.19 7.44
C ILE B 115 -2.54 8.34 8.53
N ARG B 116 -2.07 8.99 9.59
CA ARG B 116 -1.45 8.29 10.73
C ARG B 116 -2.37 8.30 11.94
N SER B 117 -3.09 9.41 12.10
CA SER B 117 -4.01 9.54 13.23
C SER B 117 -5.40 9.79 12.66
N LEU B 118 -6.35 8.96 13.09
CA LEU B 118 -7.71 9.07 12.61
C LEU B 118 -8.65 9.30 13.79
N MSE B 119 -9.47 10.35 13.68
CA MSE B 119 -10.43 10.66 14.72
C MSE B 119 -11.86 10.52 14.24
O MSE B 119 -12.15 10.71 13.05
CB MSE B 119 -10.20 12.09 15.23
CG MSE B 119 -8.87 12.25 15.96
SE MSE B 119 -8.62 14.05 16.67
CE MSE B 119 -8.12 14.92 15.02
N ALA B 120 -12.75 10.18 15.16
CA ALA B 120 -14.16 10.02 14.85
C ALA B 120 -14.92 10.84 15.88
N PHE B 121 -15.89 11.63 15.41
CA PHE B 121 -16.71 12.47 16.28
C PHE B 121 -18.06 11.82 16.46
N ILE B 122 -18.36 11.41 17.67
CA ILE B 122 -19.63 10.74 17.94
C ILE B 122 -20.42 11.42 19.05
N PHE B 123 -21.73 11.54 18.86
CA PHE B 123 -22.56 12.10 19.92
C PHE B 123 -22.36 11.14 21.09
N GLY B 124 -22.09 11.68 22.27
CA GLY B 124 -21.89 10.82 23.43
C GLY B 124 -23.01 9.82 23.63
N HIS B 125 -24.22 10.18 23.22
CA HIS B 125 -25.38 9.30 23.37
C HIS B 125 -25.57 8.32 22.22
N ASN B 126 -24.51 7.61 21.89
CA ASN B 126 -24.54 6.61 20.83
C ASN B 126 -23.62 5.47 21.24
N LYS B 127 -24.02 4.75 22.27
CA LYS B 127 -23.23 3.64 22.79
C LYS B 127 -22.89 2.60 21.74
N PRO B 128 -23.84 2.28 20.85
CA PRO B 128 -23.58 1.28 19.80
C PRO B 128 -22.36 1.65 18.96
N SER B 129 -22.29 2.92 18.56
CA SER B 129 -21.18 3.39 17.75
C SER B 129 -19.89 3.42 18.57
N LEU B 130 -19.98 3.88 19.81
CA LEU B 130 -18.82 3.93 20.67
C LEU B 130 -18.19 2.53 20.77
N LYS B 131 -19.04 1.53 21.01
CA LYS B 131 -18.55 0.16 21.13
C LYS B 131 -17.88 -0.30 19.84
N LEU B 132 -18.51 -0.03 18.70
CA LEU B 132 -17.96 -0.42 17.41
C LEU B 132 -16.54 0.12 17.21
N PHE B 133 -16.36 1.42 17.43
CA PHE B 133 -15.04 2.02 17.28
C PHE B 133 -14.03 1.50 18.29
N GLU B 134 -14.48 1.27 19.53
CA GLU B 134 -13.58 0.77 20.56
C GLU B 134 -13.03 -0.61 20.21
N LYS B 135 -13.83 -1.41 19.50
CA LYS B 135 -13.39 -2.75 19.11
C LYS B 135 -12.31 -2.65 18.03
N HIS B 136 -12.28 -1.51 17.34
CA HIS B 136 -11.29 -1.31 16.29
C HIS B 136 -10.12 -0.42 16.69
N GLY B 137 -9.80 -0.43 17.98
CA GLY B 137 -8.67 0.31 18.48
C GLY B 137 -8.79 1.80 18.76
N PHE B 138 -9.99 2.36 18.68
CA PHE B 138 -10.16 3.78 18.98
C PHE B 138 -10.32 3.93 20.47
N ALA B 139 -9.84 5.06 21.01
CA ALA B 139 -9.99 5.33 22.44
C ALA B 139 -10.55 6.74 22.58
N GLU B 140 -11.21 7.02 23.71
CA GLU B 140 -11.76 8.36 23.90
C GLU B 140 -10.63 9.35 24.13
N TRP B 141 -10.55 10.37 23.27
CA TRP B 141 -9.52 11.39 23.40
C TRP B 141 -10.11 12.69 23.93
N GLY B 142 -11.43 12.83 23.85
CA GLY B 142 -12.04 14.04 24.36
C GLY B 142 -13.55 14.02 24.44
N LEU B 143 -14.09 14.94 25.23
CA LEU B 143 -15.52 15.06 25.39
C LEU B 143 -15.83 16.54 25.55
N PHE B 144 -16.57 17.08 24.58
CA PHE B 144 -16.97 18.48 24.57
C PHE B 144 -18.43 18.48 25.02
N PRO B 145 -18.67 18.82 26.30
CA PRO B 145 -19.99 18.85 26.94
C PRO B 145 -21.05 19.79 26.40
N GLY B 146 -22.16 19.19 25.98
CA GLY B 146 -23.29 19.94 25.46
C GLY B 146 -22.99 21.08 24.49
N ILE B 147 -22.01 20.88 23.61
CA ILE B 147 -21.66 21.94 22.67
C ILE B 147 -22.58 21.99 21.46
N ALA B 148 -23.42 20.96 21.32
CA ALA B 148 -24.38 20.91 20.24
C ALA B 148 -25.76 21.08 20.87
N GLU B 149 -26.62 21.87 20.25
CA GLU B 149 -27.97 22.08 20.78
C GLU B 149 -29.04 21.91 19.72
N MSE B 150 -30.09 21.16 20.06
CA MSE B 150 -31.20 20.92 19.15
C MSE B 150 -32.49 20.76 19.94
O MSE B 150 -32.57 19.96 20.88
CB MSE B 150 -30.94 19.66 18.33
CG MSE B 150 -29.64 19.68 17.55
SE MSE B 150 -29.26 18.01 16.69
CE MSE B 150 -28.30 17.14 18.12
N ASP B 151 -33.51 21.53 19.56
CA ASP B 151 -34.80 21.47 20.22
C ASP B 151 -34.69 21.68 21.73
N GLY B 152 -33.89 22.66 22.11
CA GLY B 152 -33.72 22.96 23.53
C GLY B 152 -33.00 21.86 24.30
N LYS B 153 -32.42 20.91 23.57
CA LYS B 153 -31.69 19.81 24.20
C LYS B 153 -30.22 19.91 23.80
N ARG B 154 -29.33 19.83 24.77
CA ARG B 154 -27.90 19.93 24.47
C ARG B 154 -27.28 18.55 24.40
N TYR B 155 -26.30 18.40 23.51
CA TYR B 155 -25.64 17.12 23.32
C TYR B 155 -24.12 17.20 23.34
N ASP B 156 -23.50 16.15 23.86
CA ASP B 156 -22.06 16.05 23.95
C ASP B 156 -21.48 15.60 22.62
N LEU B 157 -20.23 15.96 22.38
CA LEU B 157 -19.54 15.51 21.17
C LEU B 157 -18.34 14.80 21.73
N LYS B 158 -18.26 13.49 21.51
CA LYS B 158 -17.13 12.74 22.02
C LYS B 158 -16.17 12.51 20.86
N ILE B 159 -14.88 12.64 21.12
CA ILE B 159 -13.88 12.45 20.07
C ILE B 159 -13.11 11.17 20.36
N LEU B 160 -13.13 10.25 19.41
CA LEU B 160 -12.41 8.99 19.55
C LEU B 160 -11.22 9.03 18.60
N GLY B 161 -10.10 8.51 19.05
CA GLY B 161 -8.93 8.52 18.20
C GLY B 161 -8.23 7.18 18.11
N ARG B 162 -7.58 6.97 16.98
CA ARG B 162 -6.82 5.75 16.69
C ARG B 162 -5.55 6.12 15.94
N GLU B 163 -4.41 5.60 16.39
CA GLU B 163 -3.17 5.86 15.68
C GLU B 163 -2.82 4.59 14.92
N LEU B 164 -2.59 4.73 13.62
CA LEU B 164 -2.22 3.60 12.79
C LEU B 164 -0.73 3.36 13.02
N SER B 165 -0.44 2.27 13.72
CA SER B 165 0.92 1.87 14.06
C SER B 165 1.84 1.73 12.86
N GLU B 166 3.09 2.15 13.03
CA GLU B 166 4.11 2.05 12.00
C GLU B 166 4.82 0.70 12.15
#